data_3BHM
#
_entry.id   3BHM
#
_cell.length_a   55.158
_cell.length_b   55.943
_cell.length_c   95.274
_cell.angle_alpha   90.000
_cell.angle_beta   90.000
_cell.angle_gamma   90.000
#
_symmetry.space_group_name_H-M   'P 21 21 21'
#
loop_
_entity.id
_entity.type
_entity.pdbx_description
1 polymer 'Carbonyl reductase [NADPH] 1'
2 non-polymer 'SULFATE ION'
3 non-polymer '2-AMINO-4-[1-CARBOXYMETHYL-CARBAMOYL)-2-HYDROXYMETHYLSULFANYL-ETHYLCARBAMOYL]-BUTYRIC ACID'
4 non-polymer 3-(4-AMINO-1-TERT-BUTYL-1H-PYRAZOLO[3,4-D]PYRIMIDIN-3-YL)PHENOL
5 non-polymer 'NADP NICOTINAMIDE-ADENINE-DINUCLEOTIDE PHOSPHATE'
6 water water
#
_entity_poly.entity_id   1
_entity_poly.type   'polypeptide(L)'
_entity_poly.pdbx_seq_one_letter_code
;SSGIHVALVTGGNKGIGLAIVRDLCRLFSGDVVLTARDVTRGQAAVQQLQAEGLSPRFHQLDIDDLQSIRALRDFLRKEY
GGLDVLVNNAGIAFKVADPTPFHIQAEVTMKTNFFGTRDVCTELLPLIKPQGRVVNVSSIMSVRALKSCSPELQQKFRSE
TITEEELVGLMNKFVEDTKKGVHQKEGWPSSAYGVTKIGVTVLSRIHARKLSEQRKGDKILLNACCPGWVRTDMAGPKAT
KSPEEGAETPVYLALLPPDAEGPHGQFVSEKRVEQW
;
_entity_poly.pdbx_strand_id   A
#
# COMPACT_ATOMS: atom_id res chain seq x y z
N GLY A 3 -24.22 7.09 10.53
CA GLY A 3 -23.66 5.91 9.79
C GLY A 3 -23.04 6.32 8.45
N ILE A 4 -22.28 7.41 8.46
CA ILE A 4 -21.58 7.93 7.28
C ILE A 4 -20.41 7.01 6.93
N HIS A 5 -20.24 6.73 5.64
CA HIS A 5 -19.16 5.86 5.18
C HIS A 5 -17.88 6.68 5.04
N VAL A 6 -16.73 6.04 5.20
CA VAL A 6 -15.46 6.77 5.16
C VAL A 6 -14.40 5.96 4.41
N ALA A 7 -13.69 6.66 3.52
CA ALA A 7 -12.54 6.13 2.80
C ALA A 7 -11.32 6.92 3.19
N LEU A 8 -10.17 6.26 3.17
CA LEU A 8 -8.93 6.93 3.55
C LEU A 8 -7.78 6.51 2.65
N VAL A 9 -6.93 7.48 2.29
CA VAL A 9 -5.75 7.23 1.44
C VAL A 9 -4.51 7.67 2.18
N THR A 10 -3.51 6.78 2.27
CA THR A 10 -2.23 7.15 2.88
C THR A 10 -1.32 7.74 1.80
N GLY A 11 -0.45 8.67 2.18
CA GLY A 11 0.41 9.34 1.21
C GLY A 11 -0.45 10.10 0.20
N GLY A 12 -1.39 10.91 0.69
CA GLY A 12 -2.41 11.49 -0.17
C GLY A 12 -2.13 12.92 -0.63
N ASN A 13 -0.98 13.48 -0.27
CA ASN A 13 -0.72 14.91 -0.59
C ASN A 13 -0.21 15.16 -1.99
N LYS A 14 0.24 14.11 -2.67
CA LYS A 14 0.81 14.28 -4.02
C LYS A 14 0.82 12.97 -4.77
N GLY A 15 1.20 13.04 -6.05
CA GLY A 15 1.38 11.84 -6.85
C GLY A 15 0.11 11.03 -7.03
N ILE A 16 0.27 9.72 -7.07
CA ILE A 16 -0.87 8.81 -7.28
C ILE A 16 -1.90 8.96 -6.13
N GLY A 17 -1.40 9.13 -4.91
CA GLY A 17 -2.27 9.24 -3.74
C GLY A 17 -3.26 10.39 -3.87
N LEU A 18 -2.76 11.56 -4.27
CA LEU A 18 -3.63 12.73 -4.46
C LEU A 18 -4.72 12.49 -5.53
N ALA A 19 -4.34 11.85 -6.64
CA ALA A 19 -5.29 11.53 -7.70
C ALA A 19 -6.34 10.53 -7.22
N ILE A 20 -5.92 9.59 -6.36
CA ILE A 20 -6.88 8.64 -5.77
C ILE A 20 -7.88 9.38 -4.90
N VAL A 21 -7.39 10.28 -4.05
CA VAL A 21 -8.27 11.08 -3.19
C VAL A 21 -9.27 11.87 -4.05
N ARG A 22 -8.77 12.49 -5.11
CA ARG A 22 -9.64 13.30 -5.96
C ARG A 22 -10.77 12.45 -6.55
N ASP A 23 -10.41 11.27 -7.07
CA ASP A 23 -11.43 10.37 -7.64
C ASP A 23 -12.41 9.84 -6.62
N LEU A 24 -11.91 9.47 -5.44
CA LEU A 24 -12.82 9.06 -4.35
C LEU A 24 -13.77 10.17 -3.94
N CYS A 25 -13.30 11.41 -3.91
CA CYS A 25 -14.20 12.55 -3.58
C CYS A 25 -15.41 12.56 -4.53
N ARG A 26 -15.17 12.23 -5.79
CA ARG A 26 -16.23 12.21 -6.79
C ARG A 26 -17.07 10.92 -6.82
N LEU A 27 -16.47 9.79 -6.46
CA LEU A 27 -17.09 8.50 -6.73
C LEU A 27 -17.50 7.70 -5.49
N PHE A 28 -16.87 7.99 -4.35
CA PHE A 28 -17.19 7.33 -3.09
C PHE A 28 -18.36 8.03 -2.38
N SER A 29 -19.37 7.26 -1.98
CA SER A 29 -20.54 7.79 -1.25
C SER A 29 -20.28 7.89 0.25
N GLY A 30 -19.60 8.96 0.65
CA GLY A 30 -19.24 9.17 2.03
C GLY A 30 -18.11 10.16 2.11
N ASP A 31 -17.50 10.26 3.29
CA ASP A 31 -16.37 11.16 3.50
C ASP A 31 -15.09 10.51 2.98
N VAL A 32 -14.17 11.34 2.52
CA VAL A 32 -12.88 10.87 2.04
C VAL A 32 -11.81 11.64 2.82
N VAL A 33 -10.91 10.89 3.44
CA VAL A 33 -9.87 11.47 4.27
C VAL A 33 -8.54 11.38 3.55
N LEU A 34 -8.01 12.55 3.18
CA LEU A 34 -6.65 12.68 2.66
C LEU A 34 -5.72 12.66 3.87
N THR A 35 -4.74 11.78 3.86
CA THR A 35 -3.71 11.82 4.93
C THR A 35 -2.33 12.15 4.37
N ALA A 36 -1.49 12.74 5.20
CA ALA A 36 -0.14 13.08 4.79
C ALA A 36 0.69 13.10 6.04
N ARG A 37 1.99 12.80 5.91
CA ARG A 37 2.86 12.85 7.09
C ARG A 37 3.19 14.29 7.51
N ASP A 38 3.28 15.20 6.52
CA ASP A 38 3.60 16.61 6.76
C ASP A 38 2.28 17.38 6.75
N VAL A 39 1.90 17.95 7.90
CA VAL A 39 0.59 18.61 8.02
CA VAL A 39 0.59 18.62 8.04
C VAL A 39 0.40 19.78 7.05
N THR A 40 1.48 20.52 6.78
CA THR A 40 1.35 21.67 5.86
C THR A 40 1.14 21.19 4.43
N ARG A 41 1.85 20.12 4.04
CA ARG A 41 1.68 19.56 2.70
C ARG A 41 0.30 18.95 2.54
N GLY A 42 -0.20 18.28 3.58
CA GLY A 42 -1.54 17.73 3.54
C GLY A 42 -2.62 18.81 3.47
N GLN A 43 -2.47 19.85 4.27
CA GLN A 43 -3.47 20.93 4.26
C GLN A 43 -3.46 21.66 2.91
N ALA A 44 -2.28 21.86 2.33
CA ALA A 44 -2.17 22.46 1.00
C ALA A 44 -2.86 21.62 -0.06
N ALA A 45 -2.74 20.30 0.04
CA ALA A 45 -3.39 19.40 -0.91
C ALA A 45 -4.90 19.50 -0.80
N VAL A 46 -5.42 19.53 0.44
CA VAL A 46 -6.86 19.69 0.69
C VAL A 46 -7.32 21.01 0.08
N GLN A 47 -6.54 22.07 0.27
CA GLN A 47 -6.88 23.39 -0.31
C GLN A 47 -6.92 23.35 -1.85
N GLN A 48 -6.00 22.62 -2.47
CA GLN A 48 -5.99 22.44 -3.92
C GLN A 48 -7.29 21.77 -4.37
N LEU A 49 -7.70 20.70 -3.67
CA LEU A 49 -8.90 19.97 -4.05
C LEU A 49 -10.16 20.79 -3.79
N GLN A 50 -10.17 21.57 -2.70
CA GLN A 50 -11.25 22.50 -2.43
C GLN A 50 -11.43 23.50 -3.57
N ALA A 51 -10.31 24.01 -4.09
CA ALA A 51 -10.34 24.92 -5.26
C ALA A 51 -10.87 24.24 -6.53
N GLU A 52 -10.88 22.90 -6.54
CA GLU A 52 -11.49 22.15 -7.64
C GLU A 52 -12.95 21.82 -7.36
N GLY A 53 -13.46 22.26 -6.21
CA GLY A 53 -14.87 22.06 -5.83
C GLY A 53 -15.13 20.84 -4.99
N LEU A 54 -14.06 20.24 -4.46
CA LEU A 54 -14.17 18.97 -3.71
C LEU A 54 -14.00 19.23 -2.23
N SER A 55 -14.39 18.26 -1.39
CA SER A 55 -14.44 18.45 0.07
C SER A 55 -13.80 17.31 0.86
N PRO A 56 -12.51 17.02 0.61
CA PRO A 56 -11.88 15.96 1.41
C PRO A 56 -11.64 16.45 2.84
N ARG A 57 -11.67 15.50 3.77
CA ARG A 57 -11.22 15.75 5.12
C ARG A 57 -9.70 15.51 5.18
N PHE A 58 -9.06 15.98 6.25
CA PHE A 58 -7.63 15.73 6.45
C PHE A 58 -7.34 15.10 7.80
N HIS A 59 -6.42 14.15 7.82
CA HIS A 59 -5.84 13.73 9.09
C HIS A 59 -4.36 13.44 8.87
N GLN A 60 -3.53 13.84 9.83
CA GLN A 60 -2.11 13.53 9.69
C GLN A 60 -1.90 12.01 9.80
N LEU A 61 -0.95 11.50 9.04
CA LEU A 61 -0.48 10.11 9.21
C LEU A 61 0.94 9.96 8.66
N ASP A 62 1.85 9.49 9.51
CA ASP A 62 3.14 9.04 9.03
C ASP A 62 3.19 7.56 9.34
N ILE A 63 3.25 6.73 8.29
CA ILE A 63 3.19 5.27 8.52
C ILE A 63 4.39 4.68 9.26
N ASP A 64 5.44 5.47 9.40
CA ASP A 64 6.63 5.08 10.16
C ASP A 64 6.62 5.47 11.64
N ASP A 65 5.54 6.13 12.05
CA ASP A 65 5.37 6.54 13.42
C ASP A 65 4.15 5.81 14.00
N LEU A 66 4.38 4.83 14.87
CA LEU A 66 3.25 4.04 15.40
C LEU A 66 2.24 4.88 16.17
N GLN A 67 2.72 5.95 16.82
CA GLN A 67 1.84 6.84 17.55
C GLN A 67 0.93 7.60 16.61
N SER A 68 1.45 7.91 15.43
CA SER A 68 0.65 8.60 14.40
C SER A 68 -0.44 7.66 13.89
N ILE A 69 -0.09 6.40 13.65
CA ILE A 69 -1.06 5.41 13.19
C ILE A 69 -2.13 5.21 14.26
N ARG A 70 -1.70 5.04 15.50
CA ARG A 70 -2.68 4.86 16.60
C ARG A 70 -3.63 6.04 16.81
N ALA A 71 -3.14 7.27 16.66
CA ALA A 71 -3.97 8.46 16.75
C ALA A 71 -5.03 8.49 15.63
N LEU A 72 -4.62 8.11 14.41
CA LEU A 72 -5.58 7.95 13.31
C LEU A 72 -6.61 6.85 13.58
N ARG A 73 -6.16 5.70 14.06
CA ARG A 73 -7.08 4.61 14.47
C ARG A 73 -8.13 5.14 15.46
N ASP A 74 -7.69 5.81 16.51
CA ASP A 74 -8.60 6.37 17.51
C ASP A 74 -9.59 7.40 16.90
N PHE A 75 -9.07 8.25 16.02
CA PHE A 75 -9.91 9.22 15.30
C PHE A 75 -11.02 8.49 14.52
N LEU A 76 -10.63 7.47 13.76
CA LEU A 76 -11.63 6.73 12.95
C LEU A 76 -12.67 6.05 13.82
N ARG A 77 -12.23 5.40 14.90
CA ARG A 77 -13.19 4.79 15.84
C ARG A 77 -14.17 5.80 16.43
N LYS A 78 -13.66 6.94 16.89
CA LYS A 78 -14.49 7.97 17.50
C LYS A 78 -15.47 8.61 16.51
N GLU A 79 -14.98 8.96 15.32
CA GLU A 79 -15.77 9.74 14.36
C GLU A 79 -16.69 8.89 13.49
N TYR A 80 -16.28 7.68 13.17
CA TYR A 80 -16.99 6.85 12.18
C TYR A 80 -17.36 5.48 12.69
N GLY A 81 -16.77 5.06 13.80
CA GLY A 81 -16.95 3.71 14.32
C GLY A 81 -16.25 2.63 13.52
N GLY A 82 -15.31 3.05 12.68
CA GLY A 82 -14.55 2.13 11.83
C GLY A 82 -14.16 2.80 10.53
N LEU A 83 -13.98 1.99 9.49
CA LEU A 83 -13.44 2.45 8.21
C LEU A 83 -14.00 1.56 7.10
N ASP A 84 -14.42 2.18 6.00
CA ASP A 84 -14.96 1.42 4.87
C ASP A 84 -13.95 1.10 3.78
N VAL A 85 -13.14 2.09 3.41
CA VAL A 85 -12.16 1.89 2.35
C VAL A 85 -10.79 2.37 2.84
N LEU A 86 -9.77 1.52 2.65
CA LEU A 86 -8.38 1.86 3.02
C LEU A 86 -7.49 1.68 1.80
N VAL A 87 -6.81 2.75 1.40
CA VAL A 87 -5.84 2.68 0.30
C VAL A 87 -4.45 2.94 0.90
N ASN A 88 -3.64 1.88 0.97
CA ASN A 88 -2.26 1.95 1.44
C ASN A 88 -1.38 2.30 0.25
N ASN A 89 -1.27 3.60 0.00
CA ASN A 89 -0.53 4.13 -1.13
C ASN A 89 0.88 4.61 -0.78
N ALA A 90 1.07 5.06 0.44
CA ALA A 90 2.35 5.65 0.84
C ALA A 90 3.54 4.71 0.54
N GLY A 91 4.60 5.27 -0.03
CA GLY A 91 5.80 4.48 -0.26
C GLY A 91 6.93 5.38 -0.73
N ILE A 92 8.15 4.86 -0.66
CA ILE A 92 9.35 5.60 -1.02
C ILE A 92 10.28 4.72 -1.88
N ALA A 93 11.21 5.39 -2.56
CA ALA A 93 12.25 4.71 -3.34
C ALA A 93 13.45 5.63 -3.40
N PHE A 94 14.63 5.03 -3.34
CA PHE A 94 15.88 5.75 -3.61
C PHE A 94 16.04 5.89 -5.11
N LYS A 95 16.56 7.03 -5.54
CA LYS A 95 16.73 7.27 -6.96
C LYS A 95 17.81 6.34 -7.49
N VAL A 96 17.68 5.95 -8.76
CA VAL A 96 18.65 5.08 -9.42
C VAL A 96 20.05 5.63 -9.19
N ALA A 97 20.97 4.77 -8.79
CA ALA A 97 22.35 5.18 -8.53
C ALA A 97 22.48 6.34 -7.54
N ASP A 98 21.58 6.41 -6.56
CA ASP A 98 21.77 7.23 -5.35
C ASP A 98 22.97 6.61 -4.65
N PRO A 99 23.89 7.44 -4.13
CA PRO A 99 25.13 6.88 -3.56
C PRO A 99 24.99 6.30 -2.15
N THR A 100 23.82 6.45 -1.54
CA THR A 100 23.58 5.92 -0.20
C THR A 100 23.98 4.45 -0.19
N PRO A 101 24.74 4.01 0.84
CA PRO A 101 25.13 2.60 0.94
C PRO A 101 23.90 1.68 0.79
N PHE A 102 24.06 0.59 0.03
CA PHE A 102 22.90 -0.24 -0.31
C PHE A 102 22.19 -0.77 0.94
N HIS A 103 22.97 -1.17 1.94
CA HIS A 103 22.35 -1.68 3.17
C HIS A 103 21.46 -0.64 3.87
N ILE A 104 21.80 0.63 3.73
CA ILE A 104 20.98 1.72 4.29
C ILE A 104 19.74 1.90 3.39
N GLN A 105 19.95 1.87 2.08
CA GLN A 105 18.79 1.90 1.19
C GLN A 105 17.82 0.75 1.52
N ALA A 106 18.36 -0.44 1.80
CA ALA A 106 17.52 -1.59 2.15
C ALA A 106 16.74 -1.34 3.44
N GLU A 107 17.42 -0.93 4.51
CA GLU A 107 16.77 -0.72 5.80
CA GLU A 107 16.78 -0.69 5.81
C GLU A 107 15.67 0.35 5.70
N VAL A 108 16.00 1.45 5.04
CA VAL A 108 15.09 2.62 4.96
C VAL A 108 13.85 2.32 4.10
N THR A 109 14.07 1.75 2.93
CA THR A 109 12.94 1.43 2.02
C THR A 109 12.05 0.38 2.70
N MET A 110 12.66 -0.62 3.34
CA MET A 110 11.89 -1.67 4.00
C MET A 110 11.07 -1.12 5.16
N LYS A 111 11.69 -0.25 5.94
CA LYS A 111 10.99 0.36 7.08
C LYS A 111 9.64 0.97 6.69
N THR A 112 9.64 1.75 5.61
CA THR A 112 8.40 2.39 5.16
C THR A 112 7.50 1.45 4.37
N ASN A 113 8.02 0.93 3.25
CA ASN A 113 7.17 0.24 2.28
C ASN A 113 6.57 -1.03 2.86
N PHE A 114 7.39 -1.78 3.61
CA PHE A 114 6.88 -3.00 4.19
C PHE A 114 6.39 -2.83 5.63
N PHE A 115 7.28 -2.45 6.54
CA PHE A 115 6.90 -2.37 7.97
C PHE A 115 5.87 -1.31 8.27
N GLY A 116 5.98 -0.19 7.58
CA GLY A 116 5.00 0.90 7.75
C GLY A 116 3.64 0.46 7.27
N THR A 117 3.58 -0.08 6.06
CA THR A 117 2.33 -0.56 5.48
C THR A 117 1.73 -1.63 6.41
N ARG A 118 2.58 -2.52 6.89
CA ARG A 118 2.12 -3.58 7.77
C ARG A 118 1.53 -3.03 9.07
N ASP A 119 2.20 -2.05 9.66
CA ASP A 119 1.68 -1.40 10.90
C ASP A 119 0.33 -0.74 10.69
N VAL A 120 0.15 -0.09 9.54
CA VAL A 120 -1.16 0.51 9.22
C VAL A 120 -2.23 -0.59 9.14
N CYS A 121 -1.90 -1.69 8.45
CA CYS A 121 -2.83 -2.82 8.35
C CYS A 121 -3.14 -3.43 9.72
N THR A 122 -2.11 -3.57 10.55
CA THR A 122 -2.26 -4.11 11.90
C THR A 122 -3.29 -3.30 12.70
N GLU A 123 -3.18 -1.98 12.62
CA GLU A 123 -4.02 -1.09 13.42
C GLU A 123 -5.40 -0.86 12.81
N LEU A 124 -5.48 -0.82 11.48
CA LEU A 124 -6.72 -0.40 10.80
C LEU A 124 -7.56 -1.56 10.23
N LEU A 125 -6.94 -2.69 9.90
CA LEU A 125 -7.73 -3.82 9.39
C LEU A 125 -8.88 -4.20 10.35
N PRO A 126 -8.63 -4.20 11.68
CA PRO A 126 -9.75 -4.50 12.58
C PRO A 126 -10.94 -3.52 12.51
N LEU A 127 -10.70 -2.31 12.01
CA LEU A 127 -11.73 -1.28 11.89
C LEU A 127 -12.54 -1.41 10.60
N ILE A 128 -12.08 -2.21 9.65
CA ILE A 128 -12.76 -2.35 8.35
C ILE A 128 -14.14 -2.96 8.56
N LYS A 129 -15.15 -2.24 8.06
CA LYS A 129 -16.55 -2.65 8.17
C LYS A 129 -16.93 -3.67 7.08
N PRO A 130 -18.03 -4.43 7.31
CA PRO A 130 -18.53 -5.28 6.25
C PRO A 130 -18.70 -4.52 4.92
N GLN A 131 -18.47 -5.22 3.81
CA GLN A 131 -18.46 -4.66 2.46
C GLN A 131 -17.31 -3.64 2.25
N GLY A 132 -16.36 -3.59 3.17
CA GLY A 132 -15.22 -2.68 3.05
C GLY A 132 -14.24 -3.21 2.00
N ARG A 133 -13.32 -2.35 1.57
CA ARG A 133 -12.30 -2.74 0.60
C ARG A 133 -10.96 -2.17 1.03
N VAL A 134 -9.90 -2.96 0.83
CA VAL A 134 -8.54 -2.53 1.17
C VAL A 134 -7.73 -2.69 -0.09
N VAL A 135 -6.95 -1.66 -0.43
CA VAL A 135 -6.14 -1.66 -1.64
C VAL A 135 -4.70 -1.33 -1.24
N ASN A 136 -3.79 -2.25 -1.50
CA ASN A 136 -2.37 -2.03 -1.18
C ASN A 136 -1.60 -1.77 -2.44
N VAL A 137 -0.98 -0.61 -2.55
CA VAL A 137 -0.30 -0.22 -3.80
C VAL A 137 1.08 -0.83 -3.78
N SER A 138 1.29 -1.80 -4.66
CA SER A 138 2.55 -2.52 -4.72
C SER A 138 3.27 -1.98 -5.95
N SER A 139 3.83 -2.86 -6.79
CA SER A 139 4.52 -2.44 -8.02
C SER A 139 4.82 -3.66 -8.84
N ILE A 140 4.81 -3.50 -10.16
CA ILE A 140 5.33 -4.57 -11.01
C ILE A 140 6.78 -4.92 -10.68
N MET A 141 7.50 -4.00 -10.04
CA MET A 141 8.85 -4.33 -9.59
C MET A 141 8.87 -5.52 -8.63
N SER A 142 7.76 -5.81 -7.93
CA SER A 142 7.69 -7.00 -7.07
C SER A 142 7.80 -8.29 -7.88
N VAL A 143 7.18 -8.29 -9.06
CA VAL A 143 7.16 -9.47 -9.95
C VAL A 143 8.54 -9.62 -10.57
N ARG A 144 9.11 -8.48 -10.97
CA ARG A 144 10.46 -8.49 -11.54
C ARG A 144 11.49 -8.93 -10.50
N ALA A 145 11.37 -8.42 -9.28
CA ALA A 145 12.29 -8.82 -8.22
C ALA A 145 12.12 -10.29 -7.87
N LEU A 146 10.89 -10.78 -7.91
CA LEU A 146 10.60 -12.18 -7.57
C LEU A 146 11.35 -13.11 -8.50
N LYS A 147 11.35 -12.78 -9.79
CA LYS A 147 12.02 -13.60 -10.81
C LYS A 147 13.55 -13.60 -10.64
N SER A 148 14.10 -12.59 -9.98
CA SER A 148 15.53 -12.54 -9.69
C SER A 148 15.97 -13.14 -8.35
N CYS A 149 15.01 -13.66 -7.59
CA CYS A 149 15.30 -14.35 -6.33
C CYS A 149 15.73 -15.77 -6.67
N SER A 150 16.43 -16.42 -5.75
CA SER A 150 16.74 -17.86 -5.88
C SER A 150 15.43 -18.65 -6.01
N PRO A 151 15.49 -19.84 -6.64
CA PRO A 151 14.33 -20.74 -6.68
C PRO A 151 13.76 -20.99 -5.29
N GLU A 152 14.62 -21.14 -4.28
CA GLU A 152 14.16 -21.40 -2.90
C GLU A 152 13.32 -20.25 -2.37
N LEU A 153 13.80 -19.03 -2.59
CA LEU A 153 13.04 -17.84 -2.17
C LEU A 153 11.77 -17.65 -2.99
N GLN A 154 11.84 -17.96 -4.29
CA GLN A 154 10.63 -17.87 -5.11
C GLN A 154 9.55 -18.80 -4.58
N GLN A 155 9.93 -20.02 -4.22
CA GLN A 155 9.01 -21.00 -3.63
C GLN A 155 8.35 -20.46 -2.35
N LYS A 156 9.17 -19.85 -1.48
CA LYS A 156 8.66 -19.32 -0.20
C LYS A 156 7.67 -18.16 -0.43
N PHE A 157 8.03 -17.25 -1.34
CA PHE A 157 7.18 -16.08 -1.61
C PHE A 157 5.89 -16.43 -2.37
N ARG A 158 5.91 -17.53 -3.15
CA ARG A 158 4.71 -17.98 -3.88
C ARG A 158 3.81 -18.92 -3.07
N SER A 159 4.28 -19.29 -1.89
CA SER A 159 3.57 -20.28 -1.07
C SER A 159 2.17 -19.84 -0.66
N GLU A 160 1.23 -20.77 -0.74
CA GLU A 160 -0.14 -20.51 -0.31
C GLU A 160 -0.32 -20.62 1.22
N THR A 161 0.74 -21.06 1.89
CA THR A 161 0.67 -21.36 3.33
C THR A 161 1.57 -20.46 4.17
N ILE A 162 2.31 -19.55 3.51
CA ILE A 162 3.17 -18.62 4.23
C ILE A 162 2.38 -17.77 5.24
N THR A 163 2.96 -17.58 6.42
CA THR A 163 2.33 -16.79 7.47
C THR A 163 2.94 -15.38 7.49
N GLU A 164 2.23 -14.46 8.12
CA GLU A 164 2.76 -13.10 8.26
C GLU A 164 4.11 -13.07 8.95
N GLU A 165 4.26 -13.89 9.98
CA GLU A 165 5.51 -13.93 10.75
C GLU A 165 6.65 -14.50 9.91
N GLU A 166 6.34 -15.49 9.08
CA GLU A 166 7.38 -15.99 8.15
C GLU A 166 7.83 -14.91 7.17
N LEU A 167 6.86 -14.17 6.65
CA LEU A 167 7.17 -13.09 5.70
C LEU A 167 8.03 -12.00 6.34
N VAL A 168 7.65 -11.56 7.53
CA VAL A 168 8.42 -10.56 8.30
C VAL A 168 9.84 -11.09 8.51
N GLY A 169 9.97 -12.36 8.89
CA GLY A 169 11.31 -12.99 9.00
C GLY A 169 12.18 -12.86 7.74
N LEU A 170 11.59 -13.15 6.59
CA LEU A 170 12.26 -13.02 5.30
C LEU A 170 12.62 -11.56 4.92
N MET A 171 11.71 -10.64 5.17
CA MET A 171 11.98 -9.22 4.92
C MET A 171 13.12 -8.73 5.80
N ASN A 172 13.10 -9.03 7.09
CA ASN A 172 14.25 -8.66 7.93
C ASN A 172 15.52 -9.40 7.51
N LYS A 173 15.40 -10.64 7.04
CA LYS A 173 16.57 -11.41 6.56
C LYS A 173 17.23 -10.68 5.38
N PHE A 174 16.45 -10.23 4.41
CA PHE A 174 17.01 -9.40 3.32
C PHE A 174 17.80 -8.23 3.86
N VAL A 175 17.19 -7.44 4.75
CA VAL A 175 17.87 -6.26 5.30
C VAL A 175 19.18 -6.67 6.02
N GLU A 176 19.09 -7.68 6.88
CA GLU A 176 20.28 -8.17 7.62
C GLU A 176 21.37 -8.68 6.66
N ASP A 177 20.98 -9.43 5.63
CA ASP A 177 21.93 -9.94 4.62
C ASP A 177 22.67 -8.84 3.89
N THR A 178 21.97 -7.74 3.57
CA THR A 178 22.65 -6.62 2.96
C THR A 178 23.68 -6.01 3.92
N LYS A 179 23.38 -5.95 5.23
CA LYS A 179 24.31 -5.40 6.21
C LYS A 179 25.56 -6.29 6.35
N LYS A 180 25.37 -7.60 6.19
CA LYS A 180 26.45 -8.57 6.36
C LYS A 180 27.27 -8.83 5.09
N GLY A 181 26.83 -8.24 3.98
CA GLY A 181 27.54 -8.34 2.71
C GLY A 181 27.25 -9.65 2.00
N VAL A 182 26.11 -10.27 2.32
CA VAL A 182 25.78 -11.60 1.80
C VAL A 182 24.47 -11.70 1.00
N HIS A 183 23.84 -10.58 0.65
CA HIS A 183 22.49 -10.70 0.06
C HIS A 183 22.46 -11.46 -1.29
N GLN A 184 23.47 -11.26 -2.12
CA GLN A 184 23.54 -11.97 -3.42
C GLN A 184 23.73 -13.47 -3.21
N LYS A 185 24.68 -13.82 -2.34
CA LYS A 185 24.97 -15.20 -1.95
C LYS A 185 23.72 -15.90 -1.40
N GLU A 186 22.92 -15.17 -0.64
CA GLU A 186 21.73 -15.72 0.00
C GLU A 186 20.48 -15.78 -0.90
N GLY A 187 20.64 -15.35 -2.15
CA GLY A 187 19.62 -15.51 -3.20
C GLY A 187 18.72 -14.34 -3.47
N TRP A 188 19.09 -13.17 -2.94
CA TRP A 188 18.28 -11.94 -3.10
C TRP A 188 18.58 -11.19 -4.36
N PRO A 189 17.58 -10.44 -4.88
CA PRO A 189 17.82 -9.60 -6.04
C PRO A 189 18.55 -8.32 -5.66
N SER A 190 18.96 -7.56 -6.66
CA SER A 190 19.70 -6.31 -6.42
C SER A 190 18.81 -5.09 -6.13
N SER A 191 17.50 -5.19 -6.32
CA SER A 191 16.62 -4.05 -6.06
C SER A 191 15.99 -4.11 -4.66
N ALA A 192 16.40 -3.20 -3.78
CA ALA A 192 15.81 -3.14 -2.42
C ALA A 192 14.34 -2.78 -2.53
N TYR A 193 14.02 -1.77 -3.33
CA TYR A 193 12.63 -1.39 -3.56
C TYR A 193 11.79 -2.59 -4.00
N GLY A 194 12.32 -3.35 -4.96
CA GLY A 194 11.64 -4.55 -5.48
C GLY A 194 11.31 -5.56 -4.38
N VAL A 195 12.28 -5.84 -3.51
CA VAL A 195 12.04 -6.75 -2.37
C VAL A 195 10.97 -6.22 -1.43
N THR A 196 10.97 -4.92 -1.16
CA THR A 196 9.95 -4.37 -0.27
C THR A 196 8.58 -4.57 -0.90
N LYS A 197 8.52 -4.51 -2.23
CA LYS A 197 7.22 -4.66 -2.89
C LYS A 197 6.81 -6.12 -3.00
N ILE A 198 7.79 -7.03 -3.05
CA ILE A 198 7.49 -8.42 -2.82
C ILE A 198 6.77 -8.53 -1.48
N GLY A 199 7.31 -7.87 -0.46
CA GLY A 199 6.69 -7.87 0.88
C GLY A 199 5.24 -7.41 0.82
N VAL A 200 5.00 -6.30 0.15
CA VAL A 200 3.64 -5.75 0.07
C VAL A 200 2.68 -6.72 -0.63
N THR A 201 3.13 -7.29 -1.74
CA THR A 201 2.31 -8.19 -2.52
C THR A 201 1.95 -9.44 -1.70
N VAL A 202 2.96 -10.01 -1.05
CA VAL A 202 2.77 -11.25 -0.33
C VAL A 202 1.94 -10.99 0.94
N LEU A 203 2.20 -9.86 1.60
CA LEU A 203 1.39 -9.44 2.74
C LEU A 203 -0.09 -9.32 2.36
N SER A 204 -0.37 -8.77 1.17
CA SER A 204 -1.78 -8.70 0.70
C SER A 204 -2.43 -10.10 0.55
N ARG A 205 -1.68 -11.01 -0.02
CA ARG A 205 -2.14 -12.39 -0.16
C ARG A 205 -2.47 -12.98 1.21
N ILE A 206 -1.56 -12.82 2.16
CA ILE A 206 -1.76 -13.36 3.51
C ILE A 206 -2.97 -12.71 4.20
N HIS A 207 -3.07 -11.38 4.13
CA HIS A 207 -4.15 -10.66 4.80
C HIS A 207 -5.52 -11.01 4.20
N ALA A 208 -5.56 -11.26 2.89
CA ALA A 208 -6.79 -11.75 2.22
C ALA A 208 -7.17 -13.11 2.77
N ARG A 209 -6.19 -13.98 2.95
CA ARG A 209 -6.45 -15.31 3.52
C ARG A 209 -7.01 -15.18 4.94
N LYS A 210 -6.38 -14.32 5.74
CA LYS A 210 -6.82 -14.08 7.11
C LYS A 210 -8.26 -13.52 7.20
N LEU A 211 -8.61 -12.62 6.29
CA LEU A 211 -9.97 -12.07 6.28
C LEU A 211 -11.01 -13.15 5.97
N SER A 212 -10.67 -14.04 5.04
CA SER A 212 -11.57 -15.13 4.64
CA SER A 212 -11.56 -15.13 4.65
C SER A 212 -11.73 -16.12 5.81
N GLU A 213 -10.67 -16.32 6.58
CA GLU A 213 -10.65 -17.18 7.78
C GLU A 213 -11.39 -16.60 8.98
N GLN A 214 -11.21 -15.30 9.23
CA GLN A 214 -11.64 -14.66 10.49
C GLN A 214 -12.92 -13.84 10.34
N ARG A 215 -13.16 -13.34 9.14
CA ARG A 215 -14.27 -12.45 8.89
C ARG A 215 -15.08 -12.87 7.68
N LYS A 216 -15.21 -14.19 7.54
CA LYS A 216 -16.07 -14.76 6.54
C LYS A 216 -17.50 -14.29 6.81
N GLY A 217 -18.17 -13.86 5.75
CA GLY A 217 -19.51 -13.31 5.86
C GLY A 217 -19.53 -11.79 5.74
N ASP A 218 -18.40 -11.15 6.04
CA ASP A 218 -18.32 -9.68 6.02
C ASP A 218 -18.07 -9.06 4.64
N LYS A 219 -17.80 -9.91 3.66
CA LYS A 219 -17.75 -9.49 2.25
C LYS A 219 -16.66 -8.43 2.00
N ILE A 220 -15.59 -8.47 2.79
CA ILE A 220 -14.45 -7.55 2.62
C ILE A 220 -13.54 -8.08 1.52
N LEU A 221 -13.10 -7.19 0.62
CA LEU A 221 -12.17 -7.57 -0.44
C LEU A 221 -10.88 -6.78 -0.28
N LEU A 222 -9.74 -7.46 -0.38
CA LEU A 222 -8.43 -6.84 -0.17
C LEU A 222 -7.53 -7.32 -1.28
N ASN A 223 -6.91 -6.37 -1.99
CA ASN A 223 -5.99 -6.69 -3.08
C ASN A 223 -4.76 -5.82 -3.12
N ALA A 224 -3.70 -6.32 -3.75
CA ALA A 224 -2.54 -5.50 -4.12
C ALA A 224 -2.72 -5.03 -5.56
N CYS A 225 -2.10 -3.91 -5.91
CA CYS A 225 -2.16 -3.47 -7.30
C CYS A 225 -0.90 -2.81 -7.85
N CYS A 226 -0.76 -2.79 -9.19
CA CYS A 226 0.21 -1.92 -9.87
C CYS A 226 -0.59 -0.82 -10.56
N PRO A 227 -0.26 0.44 -10.26
CA PRO A 227 -0.95 1.59 -10.81
C PRO A 227 -0.46 1.93 -12.22
N GLY A 228 0.60 1.26 -12.67
CA GLY A 228 1.24 1.54 -13.96
C GLY A 228 2.45 2.43 -13.73
N TRP A 229 3.04 2.93 -14.81
CA TRP A 229 4.22 3.79 -14.71
C TRP A 229 3.77 5.24 -14.81
N VAL A 230 3.84 5.94 -13.67
CA VAL A 230 3.14 7.21 -13.46
C VAL A 230 4.07 8.39 -13.19
N ARG A 231 3.84 9.50 -13.91
CA ARG A 231 4.58 10.75 -13.70
C ARG A 231 4.33 11.35 -12.33
N THR A 232 5.28 11.13 -11.42
CA THR A 232 5.24 11.62 -10.05
C THR A 232 6.67 11.97 -9.64
N ASP A 233 6.83 12.48 -8.42
CA ASP A 233 8.17 12.73 -7.87
C ASP A 233 9.00 11.44 -7.72
N MET A 234 8.34 10.30 -7.63
CA MET A 234 9.07 9.03 -7.55
C MET A 234 9.62 8.57 -8.91
N ALA A 235 8.75 8.52 -9.91
CA ALA A 235 9.12 7.97 -11.23
C ALA A 235 9.75 9.00 -12.16
N GLY A 236 9.43 10.27 -11.93
CA GLY A 236 9.95 11.33 -12.77
C GLY A 236 9.10 11.60 -14.02
N PRO A 237 9.51 12.61 -14.80
CA PRO A 237 8.70 13.18 -15.88
C PRO A 237 8.60 12.30 -17.13
N LYS A 238 9.46 11.26 -17.24
CA LYS A 238 9.46 10.39 -18.43
C LYS A 238 8.38 9.30 -18.44
N ALA A 239 7.76 9.06 -17.28
CA ALA A 239 6.73 8.04 -17.16
C ALA A 239 5.53 8.28 -18.09
N THR A 240 4.84 7.19 -18.43
CA THR A 240 3.82 7.20 -19.48
C THR A 240 2.40 7.59 -19.04
N LYS A 241 2.09 7.43 -17.74
CA LYS A 241 0.75 7.74 -17.23
C LYS A 241 0.74 9.03 -16.42
N SER A 242 -0.38 9.75 -16.50
CA SER A 242 -0.64 10.86 -15.60
C SER A 242 -1.05 10.30 -14.22
N PRO A 243 -1.00 11.13 -13.16
CA PRO A 243 -1.54 10.66 -11.87
C PRO A 243 -2.99 10.18 -11.99
N GLU A 244 -3.78 10.88 -12.80
CA GLU A 244 -5.17 10.49 -13.07
C GLU A 244 -5.29 9.07 -13.60
N GLU A 245 -4.46 8.72 -14.59
CA GLU A 245 -4.45 7.38 -15.15
C GLU A 245 -3.94 6.37 -14.14
N GLY A 246 -2.96 6.79 -13.34
CA GLY A 246 -2.38 5.95 -12.28
C GLY A 246 -3.41 5.56 -11.22
N ALA A 247 -4.38 6.43 -10.99
CA ALA A 247 -5.40 6.23 -9.96
C ALA A 247 -6.47 5.21 -10.35
N GLU A 248 -6.60 4.90 -11.65
CA GLU A 248 -7.73 4.09 -12.13
C GLU A 248 -7.84 2.70 -11.49
N THR A 249 -6.75 1.96 -11.45
CA THR A 249 -6.80 0.61 -10.88
C THR A 249 -7.03 0.64 -9.36
N PRO A 250 -6.25 1.45 -8.61
CA PRO A 250 -6.56 1.55 -7.17
C PRO A 250 -8.01 1.94 -6.89
N VAL A 251 -8.55 2.91 -7.63
CA VAL A 251 -9.94 3.34 -7.42
C VAL A 251 -10.94 2.22 -7.76
N TYR A 252 -10.73 1.54 -8.89
CA TYR A 252 -11.48 0.32 -9.24
C TYR A 252 -11.54 -0.69 -8.08
N LEU A 253 -10.38 -1.00 -7.51
CA LEU A 253 -10.30 -1.96 -6.40
C LEU A 253 -10.96 -1.46 -5.13
N ALA A 254 -10.95 -0.14 -4.93
CA ALA A 254 -11.54 0.48 -3.74
C ALA A 254 -13.07 0.45 -3.77
N LEU A 255 -13.62 0.50 -4.98
CA LEU A 255 -15.04 0.70 -5.17
C LEU A 255 -15.76 -0.52 -5.74
N LEU A 256 -15.15 -1.70 -5.60
CA LEU A 256 -15.76 -2.95 -6.07
C LEU A 256 -17.18 -3.08 -5.50
N PRO A 257 -18.17 -3.40 -6.37
CA PRO A 257 -19.56 -3.36 -5.92
C PRO A 257 -19.81 -4.27 -4.72
N PRO A 258 -20.77 -3.89 -3.85
CA PRO A 258 -21.15 -4.71 -2.71
C PRO A 258 -21.42 -6.15 -3.14
N ASP A 259 -21.02 -7.10 -2.29
CA ASP A 259 -21.29 -8.51 -2.50
C ASP A 259 -20.44 -9.18 -3.58
N ALA A 260 -19.61 -8.40 -4.30
CA ALA A 260 -18.67 -8.97 -5.28
C ALA A 260 -17.84 -10.05 -4.61
N GLU A 261 -17.61 -11.15 -5.33
CA GLU A 261 -16.87 -12.28 -4.76
C GLU A 261 -15.37 -12.09 -4.92
N GLY A 262 -14.97 -11.26 -5.90
CA GLY A 262 -13.57 -11.00 -6.15
C GLY A 262 -13.36 -9.77 -7.00
N PRO A 263 -12.09 -9.45 -7.32
CA PRO A 263 -10.88 -10.17 -6.93
C PRO A 263 -10.66 -10.06 -5.42
N HIS A 264 -10.03 -11.07 -4.83
CA HIS A 264 -9.63 -11.05 -3.43
C HIS A 264 -8.26 -11.72 -3.30
N GLY A 265 -7.33 -11.01 -2.67
CA GLY A 265 -5.97 -11.53 -2.45
C GLY A 265 -5.18 -11.62 -3.75
N GLN A 266 -5.55 -10.81 -4.73
CA GLN A 266 -4.90 -10.80 -6.04
C GLN A 266 -3.93 -9.63 -6.19
N PHE A 267 -3.05 -9.74 -7.19
CA PHE A 267 -2.21 -8.64 -7.65
C PHE A 267 -2.81 -8.19 -8.97
N VAL A 268 -3.27 -6.94 -9.02
CA VAL A 268 -4.09 -6.45 -10.12
C VAL A 268 -3.40 -5.31 -10.86
N SER A 269 -3.31 -5.42 -12.19
CA SER A 269 -2.70 -4.37 -12.99
C SER A 269 -3.64 -4.06 -14.15
N GLU A 270 -3.78 -2.79 -14.49
CA GLU A 270 -4.70 -2.38 -15.58
C GLU A 270 -6.08 -3.06 -15.44
N LYS A 271 -6.58 -3.08 -14.20
CA LYS A 271 -7.84 -3.71 -13.77
C LYS A 271 -7.92 -5.23 -14.02
N ARG A 272 -6.76 -5.86 -14.25
CA ARG A 272 -6.67 -7.29 -14.60
C ARG A 272 -5.76 -8.08 -13.64
N VAL A 273 -6.18 -9.30 -13.31
CA VAL A 273 -5.44 -10.14 -12.39
C VAL A 273 -4.17 -10.70 -13.02
N GLU A 274 -3.04 -10.41 -12.37
CA GLU A 274 -1.72 -10.88 -12.77
C GLU A 274 -1.35 -12.16 -12.02
N GLN A 275 -0.63 -13.05 -12.71
CA GLN A 275 -0.09 -14.25 -12.08
C GLN A 275 1.07 -13.90 -11.14
N TRP A 276 1.04 -14.49 -9.94
CA TRP A 276 2.13 -14.35 -8.98
C TRP A 276 2.96 -15.64 -8.95
#